data_7D0E
#
_entry.id   7D0E
#
_cell.length_a   51.438
_cell.length_b   51.438
_cell.length_c   86.151
_cell.angle_alpha   90.000
_cell.angle_beta   90.000
_cell.angle_gamma   90.000
#
_symmetry.space_group_name_H-M   'P 43 21 2'
#
loop_
_entity.id
_entity.type
_entity.pdbx_description
1 polymer 'RB1-inducible coiled-coil protein 1'
2 polymer 'Cell cycle progression protein 1 FIR2'
3 non-polymer 3-(2-hydroxyethyloxy)-2-[2-(2-hydroxyethyloxy)ethoxymethyl]-2-(2-hydroxyethyloxymethyl)propan-1-ol
4 non-polymer DI(HYDROXYETHYL)ETHER
5 water water
#
loop_
_entity_poly.entity_id
_entity_poly.type
_entity_poly.pdbx_seq_one_letter_code
_entity_poly.pdbx_strand_id
1 'polypeptide(L)'
;SRHSEKIAIRDFQVGDLVLIILDERHDNYVLFTVSPTLYFLHSESLPALDLKPGEGASGASRRPWVLGKVMEKEYCQAKK
AQNRFKVPLGTKFYRVKAVSWNKKV
;
A
2 'polypeptide(L)' SDD(SEP)DIVTLEPPK B
#
loop_
_chem_comp.id
_chem_comp.type
_chem_comp.name
_chem_comp.formula
GO9 non-polymer 3-(2-hydroxyethyloxy)-2-[2-(2-hydroxyethyloxy)ethoxymethyl]-2-(2-hydroxyethyloxymethyl)propan-1-ol 'C13 H28 O8'
PEG non-polymer DI(HYDROXYETHYL)ETHER 'C4 H10 O3'
#
# COMPACT_ATOMS: atom_id res chain seq x y z
N SER A 1 4.57 -13.47 23.04
CA SER A 1 5.46 -12.45 23.61
C SER A 1 5.96 -11.44 22.56
N ARG A 2 5.02 -10.86 21.82
CA ARG A 2 5.34 -9.93 20.73
C ARG A 2 4.80 -8.55 21.07
N HIS A 3 5.33 -7.94 22.14
CA HIS A 3 4.82 -6.66 22.60
CA HIS A 3 4.80 -6.66 22.60
C HIS A 3 4.81 -5.61 21.50
N SER A 4 5.83 -5.59 20.65
CA SER A 4 5.94 -4.51 19.69
C SER A 4 5.16 -4.78 18.40
N GLU A 5 4.79 -6.04 18.15
CA GLU A 5 4.17 -6.39 16.87
C GLU A 5 2.66 -6.15 16.94
N LYS A 6 2.31 -4.90 16.77
CA LYS A 6 0.92 -4.48 16.77
CA LYS A 6 0.91 -4.49 16.76
C LYS A 6 0.77 -3.59 15.54
N ILE A 7 -0.21 -3.88 14.71
CA ILE A 7 -0.33 -3.19 13.41
C ILE A 7 -1.47 -2.17 13.43
N ALA A 8 -1.25 -1.09 12.67
CA ALA A 8 -2.34 -0.19 12.35
C ALA A 8 -3.24 -0.84 11.29
N ILE A 9 -4.51 -0.47 11.31
CA ILE A 9 -5.50 -1.05 10.39
C ILE A 9 -6.32 0.00 9.65
N ARG A 10 -6.04 1.28 9.86
CA ARG A 10 -6.68 2.37 9.11
C ARG A 10 -5.97 3.64 9.46
N ASP A 11 -6.28 4.68 8.70
CA ASP A 11 -5.78 6.03 9.01
C ASP A 11 -4.25 6.02 9.15
N PHE A 12 -3.61 5.38 8.18
CA PHE A 12 -2.18 5.07 8.30
C PHE A 12 -1.34 6.34 8.30
N GLN A 13 -0.33 6.35 9.17
CA GLN A 13 0.59 7.48 9.28
C GLN A 13 2.01 6.98 9.11
N VAL A 14 2.91 7.89 8.73
CA VAL A 14 4.31 7.59 8.67
CA VAL A 14 4.31 7.56 8.66
C VAL A 14 4.76 6.98 9.99
N GLY A 15 5.50 5.91 9.94
CA GLY A 15 5.96 5.21 11.10
C GLY A 15 5.08 4.07 11.56
N ASP A 16 3.86 3.91 11.01
CA ASP A 16 3.00 2.82 11.46
C ASP A 16 3.52 1.46 10.97
N LEU A 17 3.52 0.50 11.86
CA LEU A 17 3.71 -0.87 11.46
C LEU A 17 2.42 -1.36 10.81
N VAL A 18 2.54 -2.00 9.67
CA VAL A 18 1.40 -2.43 8.84
C VAL A 18 1.65 -3.82 8.29
N LEU A 19 0.55 -4.48 7.99
CA LEU A 19 0.59 -5.78 7.30
C LEU A 19 0.31 -5.52 5.84
N ILE A 20 1.22 -5.92 4.97
CA ILE A 20 1.12 -5.78 3.54
C ILE A 20 0.74 -7.12 2.97
N ILE A 21 -0.32 -7.19 2.22
CA ILE A 21 -0.90 -8.46 1.79
C ILE A 21 -1.11 -8.48 0.29
N LEU A 22 -1.09 -9.67 -0.30
CA LEU A 22 -1.39 -9.77 -1.72
C LEU A 22 -2.91 -9.64 -1.95
N ASP A 23 -3.32 -8.78 -2.86
CA ASP A 23 -4.72 -8.60 -3.25
C ASP A 23 -4.80 -9.14 -4.66
N GLU A 24 -5.41 -10.32 -4.77
CA GLU A 24 -5.41 -10.93 -6.10
C GLU A 24 -6.41 -10.26 -7.04
N ARG A 25 -7.47 -9.67 -6.51
CA ARG A 25 -8.44 -8.96 -7.35
C ARG A 25 -7.79 -7.77 -8.08
N HIS A 26 -6.89 -7.05 -7.38
CA HIS A 26 -6.20 -5.92 -7.99
C HIS A 26 -4.80 -6.25 -8.45
N ASP A 27 -4.40 -7.52 -8.33
CA ASP A 27 -3.07 -8.00 -8.73
C ASP A 27 -1.94 -7.11 -8.19
N ASN A 28 -2.01 -6.81 -6.90
CA ASN A 28 -1.02 -5.92 -6.32
C ASN A 28 -0.99 -6.17 -4.82
N TYR A 29 0.08 -5.76 -4.19
CA TYR A 29 0.14 -5.74 -2.73
C TYR A 29 -0.58 -4.50 -2.25
N VAL A 30 -1.29 -4.65 -1.11
CA VAL A 30 -2.04 -3.58 -0.47
C VAL A 30 -1.79 -3.65 1.03
N LEU A 31 -2.08 -2.56 1.72
CA LEU A 31 -2.12 -2.62 3.16
CA LEU A 31 -2.14 -2.60 3.17
C LEU A 31 -3.40 -3.28 3.63
N PHE A 32 -3.24 -4.18 4.60
CA PHE A 32 -4.42 -4.74 5.25
C PHE A 32 -5.13 -3.64 6.03
N THR A 33 -6.42 -3.47 5.77
CA THR A 33 -7.15 -2.39 6.42
C THR A 33 -8.62 -2.76 6.57
N VAL A 34 -9.24 -2.17 7.57
CA VAL A 34 -10.70 -2.28 7.70
C VAL A 34 -11.41 -1.23 6.88
N SER A 35 -10.70 -0.24 6.38
CA SER A 35 -11.35 0.79 5.58
CA SER A 35 -11.48 0.72 5.63
C SER A 35 -11.65 0.24 4.19
N PRO A 36 -12.66 0.76 3.49
CA PRO A 36 -12.84 0.40 2.09
C PRO A 36 -11.92 1.15 1.18
N THR A 37 -11.23 2.19 1.65
CA THR A 37 -10.26 2.87 0.81
C THR A 37 -9.10 1.93 0.52
N LEU A 38 -8.63 1.90 -0.70
CA LEU A 38 -7.49 1.07 -1.07
C LEU A 38 -6.17 1.77 -0.80
N TYR A 39 -5.20 1.06 -0.25
CA TYR A 39 -3.83 1.55 -0.01
C TYR A 39 -2.89 0.61 -0.73
N PHE A 40 -2.56 0.93 -1.98
CA PHE A 40 -1.68 0.08 -2.78
C PHE A 40 -0.26 0.27 -2.38
N LEU A 41 0.51 -0.81 -2.31
CA LEU A 41 1.97 -0.70 -2.15
C LEU A 41 2.58 -0.10 -3.42
N HIS A 42 3.37 0.97 -3.26
CA HIS A 42 4.11 1.53 -4.38
C HIS A 42 5.07 0.51 -4.97
N SER A 43 5.10 0.44 -6.29
CA SER A 43 6.01 -0.50 -6.95
C SER A 43 7.46 -0.30 -6.52
N GLU A 44 7.83 0.91 -6.15
CA GLU A 44 9.21 1.13 -5.72
C GLU A 44 9.57 0.32 -4.48
N SER A 45 8.59 0.01 -3.63
CA SER A 45 8.88 -0.60 -2.33
C SER A 45 9.10 -2.09 -2.42
N LEU A 46 8.79 -2.74 -3.55
CA LEU A 46 8.83 -4.20 -3.59
CA LEU A 46 8.83 -4.20 -3.55
C LEU A 46 10.22 -4.75 -3.28
N PRO A 47 11.29 -4.23 -3.88
CA PRO A 47 12.62 -4.81 -3.59
C PRO A 47 13.01 -4.75 -2.11
N ALA A 48 12.75 -3.60 -1.46
CA ALA A 48 13.07 -3.44 -0.04
C ALA A 48 12.36 -4.46 0.84
N LEU A 49 11.19 -4.93 0.41
CA LEU A 49 10.41 -5.86 1.20
C LEU A 49 10.63 -7.30 0.78
N ASP A 50 11.55 -7.53 -0.17
CA ASP A 50 11.81 -8.86 -0.73
C ASP A 50 10.56 -9.45 -1.39
N LEU A 51 9.80 -8.61 -2.07
CA LEU A 51 8.63 -8.97 -2.84
C LEU A 51 8.95 -8.85 -4.33
N LYS A 52 8.15 -9.51 -5.13
CA LYS A 52 8.36 -9.43 -6.56
C LYS A 52 7.10 -8.92 -7.26
N PRO A 53 7.23 -8.26 -8.42
CA PRO A 53 6.04 -7.76 -9.13
C PRO A 53 5.34 -8.88 -9.89
N GLY A 54 4.13 -8.55 -10.37
CA GLY A 54 3.33 -9.43 -11.21
C GLY A 54 3.03 -10.78 -10.61
N SER A 61 4.50 -20.22 -5.50
CA SER A 61 5.05 -19.44 -4.40
C SER A 61 4.98 -17.94 -4.71
N ARG A 62 4.26 -17.21 -3.88
CA ARG A 62 4.26 -15.76 -3.98
C ARG A 62 3.87 -15.29 -2.60
N ARG A 63 4.73 -14.49 -2.00
CA ARG A 63 4.64 -14.27 -0.59
CA ARG A 63 4.63 -14.28 -0.57
C ARG A 63 3.30 -13.63 -0.26
N PRO A 64 2.51 -14.19 0.65
CA PRO A 64 1.15 -13.69 0.83
C PRO A 64 1.08 -12.46 1.70
N TRP A 65 2.06 -12.23 2.56
CA TRP A 65 2.05 -11.07 3.45
C TRP A 65 3.47 -10.83 3.93
N VAL A 66 3.71 -9.59 4.34
CA VAL A 66 4.95 -9.19 4.97
CA VAL A 66 4.96 -9.16 4.95
C VAL A 66 4.62 -8.01 5.87
N LEU A 67 5.36 -7.86 6.97
CA LEU A 67 5.22 -6.69 7.81
C LEU A 67 6.12 -5.57 7.31
N GLY A 68 5.67 -4.33 7.40
CA GLY A 68 6.51 -3.22 6.99
C GLY A 68 6.15 -1.99 7.78
N LYS A 69 6.86 -0.90 7.49
N LYS A 69 6.89 -0.90 7.60
CA LYS A 69 6.61 0.38 8.10
CA LYS A 69 6.56 0.37 8.20
C LYS A 69 6.26 1.42 7.04
C LYS A 69 6.26 1.37 7.11
N VAL A 70 5.14 2.12 7.24
CA VAL A 70 4.75 3.14 6.28
C VAL A 70 5.78 4.25 6.30
N MET A 71 6.25 4.64 5.14
CA MET A 71 7.17 5.77 5.08
CA MET A 71 7.23 5.71 4.96
C MET A 71 6.66 6.93 4.29
N GLU A 72 5.65 6.76 3.46
CA GLU A 72 5.09 7.84 2.67
C GLU A 72 3.74 7.40 2.13
N LYS A 73 2.77 8.30 2.01
CA LYS A 73 1.47 8.02 1.40
C LYS A 73 1.05 9.14 0.48
N GLU A 74 0.42 8.82 -0.64
CA GLU A 74 0.03 9.78 -1.67
C GLU A 74 -1.39 9.45 -2.09
N TYR A 75 -2.28 10.44 -2.13
CA TYR A 75 -3.65 10.22 -2.55
C TYR A 75 -3.71 10.41 -4.04
N CYS A 76 -4.32 9.46 -4.74
CA CYS A 76 -4.28 9.44 -6.20
C CYS A 76 -5.66 9.13 -6.74
N GLN A 77 -5.85 9.36 -8.04
CA GLN A 77 -7.12 9.01 -8.71
C GLN A 77 -6.85 8.29 -10.02
N ALA A 78 -7.62 7.25 -10.29
CA ALA A 78 -7.53 6.59 -11.59
C ALA A 78 -8.23 7.44 -12.65
N LYS A 79 -7.49 7.81 -13.68
CA LYS A 79 -8.03 8.62 -14.76
C LYS A 79 -8.24 7.83 -16.04
N LYS A 80 -7.89 6.55 -16.07
CA LYS A 80 -8.22 5.70 -17.20
C LYS A 80 -8.89 4.44 -16.66
N ALA A 81 -9.84 3.90 -17.41
CA ALA A 81 -10.49 2.66 -17.00
C ALA A 81 -9.51 1.49 -17.01
N GLN A 82 -8.52 1.51 -17.90
CA GLN A 82 -7.44 0.54 -17.90
C GLN A 82 -6.29 1.17 -17.12
N ASN A 83 -6.02 0.65 -15.93
CA ASN A 83 -4.98 1.25 -15.11
C ASN A 83 -4.24 0.16 -14.36
N ARG A 84 -3.12 0.55 -13.76
CA ARG A 84 -2.21 -0.40 -13.13
C ARG A 84 -2.81 -1.13 -11.94
N PHE A 85 -3.87 -0.61 -11.32
CA PHE A 85 -4.40 -1.20 -10.13
C PHE A 85 -5.74 -1.88 -10.37
N LYS A 86 -6.23 -1.90 -11.60
CA LYS A 86 -7.48 -2.56 -11.93
C LYS A 86 -8.64 -2.02 -11.10
N VAL A 87 -8.66 -0.69 -10.92
CA VAL A 87 -9.78 -0.06 -10.22
C VAL A 87 -10.69 0.65 -11.21
N PRO A 88 -11.95 0.87 -10.87
CA PRO A 88 -12.85 1.58 -11.78
C PRO A 88 -12.37 3.02 -12.04
N LEU A 89 -12.65 3.50 -13.25
CA LEU A 89 -12.38 4.88 -13.57
C LEU A 89 -12.92 5.77 -12.45
N GLY A 90 -12.10 6.71 -12.03
CA GLY A 90 -12.48 7.68 -11.03
C GLY A 90 -12.14 7.30 -9.61
N THR A 91 -11.72 6.06 -9.34
CA THR A 91 -11.46 5.65 -7.97
C THR A 91 -10.33 6.48 -7.38
N LYS A 92 -10.53 6.96 -6.17
CA LYS A 92 -9.48 7.63 -5.42
CA LYS A 92 -9.48 7.61 -5.42
C LYS A 92 -8.93 6.63 -4.40
N PHE A 93 -7.61 6.61 -4.22
CA PHE A 93 -6.94 5.57 -3.45
C PHE A 93 -5.62 6.14 -3.00
N TYR A 94 -4.94 5.41 -2.13
CA TYR A 94 -3.61 5.82 -1.75
C TYR A 94 -2.57 4.88 -2.34
N ARG A 95 -1.39 5.44 -2.63
CA ARG A 95 -0.18 4.68 -2.91
CA ARG A 95 -0.18 4.67 -2.90
C ARG A 95 0.78 4.89 -1.74
N VAL A 96 1.30 3.81 -1.18
CA VAL A 96 2.09 3.84 0.06
CA VAL A 96 2.11 3.90 0.02
C VAL A 96 3.47 3.28 -0.22
N LYS A 97 4.52 3.96 0.22
CA LYS A 97 5.87 3.39 0.22
C LYS A 97 6.14 2.88 1.62
N ALA A 98 6.69 1.68 1.74
CA ALA A 98 6.94 1.03 3.02
C ALA A 98 8.31 0.38 2.98
N VAL A 99 8.91 0.26 4.16
CA VAL A 99 10.19 -0.41 4.29
C VAL A 99 10.02 -1.61 5.19
N SER A 100 11.02 -2.49 5.22
CA SER A 100 10.88 -3.70 6.02
C SER A 100 10.97 -3.34 7.50
N TRP A 101 10.41 -4.21 8.34
CA TRP A 101 10.46 -4.01 9.79
C TRP A 101 11.35 -5.05 10.48
N ASN A 102 12.00 -4.62 11.56
CA ASN A 102 12.76 -5.45 12.51
C ASN A 102 11.98 -6.61 13.13
N ASP B 3 2.01 5.95 -17.80
CA ASP B 3 2.22 6.63 -16.53
C ASP B 3 1.02 7.51 -16.17
N SEP B 4 0.24 7.94 -17.17
CA SEP B 4 -0.91 8.82 -16.91
CB SEP B 4 -1.07 9.85 -18.04
OG SEP B 4 -1.53 9.22 -19.21
C SEP B 4 -2.23 8.08 -16.65
O SEP B 4 -3.30 8.70 -16.67
P SEP B 4 -1.56 10.22 -20.49
O1P SEP B 4 -2.91 11.10 -20.36
O2P SEP B 4 -0.28 11.21 -20.45
O3P SEP B 4 -1.57 9.25 -21.79
N ASP B 5 -2.17 6.80 -16.36
CA ASP B 5 -3.38 6.06 -15.98
C ASP B 5 -3.88 6.57 -14.64
N ILE B 6 -2.98 7.13 -13.85
CA ILE B 6 -3.34 7.64 -12.53
C ILE B 6 -2.72 9.01 -12.36
N VAL B 7 -3.36 9.84 -11.55
CA VAL B 7 -2.87 11.17 -11.24
CA VAL B 7 -2.84 11.17 -11.24
C VAL B 7 -2.81 11.33 -9.72
N THR B 8 -1.90 12.17 -9.27
CA THR B 8 -1.77 12.46 -7.85
C THR B 8 -2.71 13.61 -7.49
N LEU B 9 -3.57 13.36 -6.52
CA LEU B 9 -4.48 14.38 -6.02
C LEU B 9 -3.89 15.11 -4.84
N GLU B 10 -3.23 14.40 -3.98
CA GLU B 10 -2.59 14.99 -2.81
CA GLU B 10 -2.58 15.01 -2.83
C GLU B 10 -1.24 14.31 -2.58
N PRO B 11 -0.13 15.03 -2.79
CA PRO B 11 1.17 14.46 -2.44
C PRO B 11 1.22 14.13 -0.97
N PRO B 12 2.23 13.37 -0.56
CA PRO B 12 2.50 13.14 0.87
C PRO B 12 2.48 14.44 1.67
N LYS B 13 1.78 14.39 2.81
CA LYS B 13 1.72 15.50 3.74
C LYS B 13 3.09 15.69 4.41
C1 GO9 C . -11.45 -7.34 6.51
C15 GO9 C . -13.56 -9.42 7.87
C17 GO9 C . -13.41 -4.46 5.41
C19 GO9 C . -14.84 -9.72 7.09
C2 GO9 C . -10.16 -6.53 6.39
C20 GO9 C . -12.73 -3.82 4.20
C25 GO9 C . -12.62 -5.12 2.26
C3 GO9 C . -11.80 -7.77 7.91
C31 GO9 C . -11.96 -6.40 1.77
C5 GO9 C . -11.40 -8.55 5.57
C6 GO9 C . -12.65 -6.54 6.01
C7 GO9 C . -10.11 -10.09 4.79
C8 GO9 C . -8.87 -9.22 4.58
O11 GO9 C . -10.66 -9.67 6.00
O12 GO9 C . -13.18 -8.06 7.84
O13 GO9 C . -9.77 -6.43 5.03
O14 GO9 C . -12.48 -5.17 6.16
O21 GO9 C . -12.03 -4.80 3.48
O22 GO9 C . -15.04 -11.11 7.14
O33 GO9 C . -10.64 -6.11 1.43
O9 GO9 C . -7.84 -9.94 4.00
C1 PEG D . 3.58 -1.29 20.02
O1 PEG D . 2.39 -0.52 20.16
C2 PEG D . 4.69 -0.52 19.32
O2 PEG D . 5.00 -1.06 18.05
C3 PEG D . 6.35 -1.12 17.72
C4 PEG D . 6.43 -1.56 16.27
O4 PEG D . 7.77 -1.63 15.89
#